data_2RT4
#
_entry.id   2RT4
#
_entity_poly.entity_id   1
_entity_poly.type   'polypeptide(L)'
_entity_poly.pdbx_seq_one_letter_code
;GVVRQWSGYDPRTGTWRSSIAYGGG
;
_entity_poly.pdbx_strand_id   A
#
# COMPACT_ATOMS: atom_id res chain seq x y z
N GLY A 1 3.57 -13.43 0.21
CA GLY A 1 3.43 -11.98 -0.08
C GLY A 1 2.71 -11.73 -1.39
N VAL A 2 2.05 -10.57 -1.49
CA VAL A 2 1.32 -10.21 -2.70
C VAL A 2 2.21 -9.43 -3.67
N VAL A 3 1.65 -9.06 -4.81
CA VAL A 3 2.39 -8.31 -5.81
C VAL A 3 1.46 -7.47 -6.68
N ARG A 4 0.42 -6.92 -6.05
CA ARG A 4 -0.55 -6.09 -6.75
C ARG A 4 -1.04 -4.95 -5.86
N GLN A 5 -1.09 -3.75 -6.44
CA GLN A 5 -1.53 -2.57 -5.71
C GLN A 5 -2.98 -2.23 -6.04
N TRP A 6 -3.48 -1.15 -5.44
CA TRP A 6 -4.85 -0.72 -5.68
C TRP A 6 -5.07 0.67 -5.08
N SER A 7 -6.32 0.99 -4.71
CA SER A 7 -6.64 2.29 -4.14
C SER A 7 -6.51 2.29 -2.62
N GLY A 8 -5.66 1.41 -2.08
CA GLY A 8 -5.47 1.35 -0.65
C GLY A 8 -4.26 2.12 -0.19
N TYR A 9 -3.98 3.24 -0.85
CA TYR A 9 -2.84 4.07 -0.49
C TYR A 9 -3.26 5.22 0.41
N ASP A 10 -2.65 5.30 1.59
CA ASP A 10 -2.96 6.37 2.54
C ASP A 10 -1.97 7.52 2.44
N PRO A 11 -2.41 8.67 1.89
CA PRO A 11 -1.55 9.84 1.73
C PRO A 11 -1.23 10.49 3.07
N ARG A 12 -2.20 10.44 3.98
CA ARG A 12 -2.02 11.02 5.31
C ARG A 12 -0.77 10.47 5.99
N THR A 13 -0.39 9.24 5.65
CA THR A 13 0.79 8.62 6.23
C THR A 13 1.73 8.09 5.15
N GLY A 14 1.50 8.51 3.91
CA GLY A 14 2.33 8.08 2.80
C GLY A 14 2.58 6.59 2.79
N THR A 15 1.65 5.81 3.35
CA THR A 15 1.78 4.36 3.39
C THR A 15 0.50 3.68 2.95
N TRP A 16 0.59 2.39 2.65
CA TRP A 16 -0.57 1.62 2.22
C TRP A 16 -1.39 1.17 3.42
N ARG A 17 -2.47 0.44 3.14
CA ARG A 17 -3.35 -0.05 4.20
C ARG A 17 -2.70 -1.19 4.99
N SER A 18 -2.77 -2.40 4.46
CA SER A 18 -2.19 -3.56 5.12
C SER A 18 -2.20 -4.78 4.21
N SER A 19 -3.30 -4.98 3.50
CA SER A 19 -3.44 -6.11 2.59
C SER A 19 -2.26 -6.20 1.63
N ILE A 20 -1.82 -5.05 1.15
CA ILE A 20 -0.70 -4.99 0.22
C ILE A 20 0.57 -4.55 0.95
N ALA A 21 1.72 -4.95 0.41
CA ALA A 21 3.00 -4.60 1.01
C ALA A 21 3.16 -3.09 1.14
N TYR A 22 3.03 -2.59 2.35
CA TYR A 22 3.14 -1.16 2.61
C TYR A 22 4.57 -0.67 2.36
N GLY A 23 4.71 0.63 2.12
CA GLY A 23 6.02 1.20 1.87
C GLY A 23 6.43 1.08 0.41
N GLY A 24 5.77 1.84 -0.46
CA GLY A 24 6.10 1.80 -1.87
C GLY A 24 5.22 0.83 -2.63
N GLY A 25 5.61 -0.44 -2.65
CA GLY A 25 4.85 -1.45 -3.35
C GLY A 25 5.43 -1.78 -4.71
N GLY A 1 1.93 -14.36 -1.19
CA GLY A 1 2.83 -13.40 -1.89
C GLY A 1 2.25 -12.00 -1.96
N VAL A 2 2.95 -11.12 -2.66
CA VAL A 2 2.50 -9.74 -2.82
C VAL A 2 2.75 -9.24 -4.24
N VAL A 3 1.67 -9.10 -5.00
CA VAL A 3 1.76 -8.64 -6.39
C VAL A 3 0.43 -8.07 -6.86
N ARG A 4 -0.27 -7.39 -5.96
CA ARG A 4 -1.57 -6.81 -6.28
C ARG A 4 -1.74 -5.45 -5.61
N GLN A 5 -1.70 -4.39 -6.41
CA GLN A 5 -1.86 -3.03 -5.89
C GLN A 5 -3.27 -2.52 -6.09
N TRP A 6 -3.58 -1.37 -5.49
CA TRP A 6 -4.90 -0.77 -5.60
C TRP A 6 -4.89 0.65 -5.02
N SER A 7 -6.05 1.13 -4.61
CA SER A 7 -6.15 2.49 -4.06
C SER A 7 -6.04 2.47 -2.53
N GLY A 8 -5.33 1.49 -1.99
CA GLY A 8 -5.17 1.40 -0.56
C GLY A 8 -4.15 2.39 -0.03
N TYR A 9 -3.19 2.76 -0.87
CA TYR A 9 -2.16 3.71 -0.48
C TYR A 9 -2.76 4.96 0.17
N ASP A 10 -2.40 5.19 1.43
CA ASP A 10 -2.91 6.35 2.16
C ASP A 10 -1.85 7.46 2.24
N PRO A 11 -1.90 8.43 1.31
CA PRO A 11 -0.93 9.53 1.29
C PRO A 11 -0.96 10.34 2.58
N ARG A 12 -2.08 10.26 3.31
CA ARG A 12 -2.22 10.97 4.56
C ARG A 12 -1.28 10.42 5.63
N THR A 13 -1.02 9.12 5.55
CA THR A 13 -0.13 8.46 6.50
C THR A 13 1.12 7.92 5.82
N GLY A 14 1.34 8.33 4.57
CA GLY A 14 2.48 7.89 3.82
C GLY A 14 2.74 6.39 3.94
N THR A 15 1.69 5.61 4.10
CA THR A 15 1.81 4.17 4.24
C THR A 15 0.55 3.45 3.78
N TRP A 16 0.73 2.25 3.24
CA TRP A 16 -0.40 1.46 2.76
C TRP A 16 -1.24 0.93 3.93
N ARG A 17 -2.52 0.72 3.69
CA ARG A 17 -3.43 0.25 4.72
C ARG A 17 -3.69 -1.25 4.56
N SER A 18 -3.91 -1.68 3.33
CA SER A 18 -4.19 -3.08 3.05
C SER A 18 -2.98 -3.95 3.36
N SER A 19 -3.13 -5.26 3.19
CA SER A 19 -2.05 -6.20 3.46
C SER A 19 -0.93 -6.07 2.42
N ILE A 20 -1.20 -5.33 1.34
CA ILE A 20 -0.22 -5.14 0.28
C ILE A 20 1.06 -4.51 0.84
N ALA A 21 2.16 -4.67 0.12
CA ALA A 21 3.44 -4.13 0.54
C ALA A 21 3.32 -2.65 0.88
N TYR A 22 3.69 -2.29 2.10
CA TYR A 22 3.62 -0.91 2.55
C TYR A 22 4.93 -0.17 2.29
N GLY A 23 4.87 1.15 2.30
CA GLY A 23 6.06 1.96 2.06
C GLY A 23 6.33 2.17 0.58
N GLY A 24 6.44 1.07 -0.16
CA GLY A 24 6.69 1.16 -1.58
C GLY A 24 5.43 1.09 -2.41
N GLY A 25 5.32 0.03 -3.22
CA GLY A 25 4.14 -0.14 -4.06
C GLY A 25 4.41 -1.03 -5.25
N GLY A 1 8.09 -11.01 -4.59
CA GLY A 1 7.14 -10.75 -5.72
C GLY A 1 6.21 -9.59 -5.45
N VAL A 2 5.91 -8.82 -6.48
CA VAL A 2 5.02 -7.67 -6.35
C VAL A 2 3.58 -8.06 -6.65
N VAL A 3 2.66 -7.61 -5.79
CA VAL A 3 1.24 -7.91 -5.96
C VAL A 3 0.50 -6.72 -6.57
N ARG A 4 -0.81 -6.86 -6.70
CA ARG A 4 -1.63 -5.80 -7.29
C ARG A 4 -1.81 -4.63 -6.32
N GLN A 5 -1.89 -3.42 -6.87
CA GLN A 5 -2.07 -2.22 -6.06
C GLN A 5 -3.53 -1.77 -6.06
N TRP A 6 -3.90 -0.95 -5.07
CA TRP A 6 -5.26 -0.46 -4.96
C TRP A 6 -5.34 0.69 -3.94
N SER A 7 -6.54 0.97 -3.44
CA SER A 7 -6.74 2.05 -2.47
C SER A 7 -5.88 1.85 -1.23
N GLY A 8 -5.39 0.62 -1.03
CA GLY A 8 -4.56 0.33 0.13
C GLY A 8 -3.49 1.37 0.37
N TYR A 9 -3.04 2.03 -0.70
CA TYR A 9 -2.02 3.05 -0.60
C TYR A 9 -2.62 4.38 -0.14
N ASP A 10 -2.19 4.85 1.02
CA ASP A 10 -2.68 6.10 1.58
C ASP A 10 -1.61 7.19 1.50
N PRO A 11 -1.62 7.99 0.41
CA PRO A 11 -0.64 9.07 0.23
C PRO A 11 -0.69 10.08 1.37
N ARG A 12 -1.81 10.10 2.09
CA ARG A 12 -1.98 11.03 3.21
C ARG A 12 -1.07 10.63 4.37
N THR A 13 -1.01 9.33 4.65
CA THR A 13 -0.19 8.82 5.74
C THR A 13 1.10 8.20 5.21
N GLY A 14 1.40 8.45 3.95
CA GLY A 14 2.61 7.91 3.35
C GLY A 14 2.81 6.43 3.63
N THR A 15 1.71 5.71 3.84
CA THR A 15 1.77 4.29 4.12
C THR A 15 0.54 3.57 3.57
N TRP A 16 0.71 2.29 3.29
CA TRP A 16 -0.39 1.48 2.77
C TRP A 16 -1.29 0.97 3.89
N ARG A 17 -2.28 0.17 3.53
CA ARG A 17 -3.21 -0.37 4.53
C ARG A 17 -2.69 -1.68 5.10
N SER A 18 -2.86 -2.77 4.36
CA SER A 18 -2.41 -4.08 4.82
C SER A 18 -2.51 -5.12 3.70
N SER A 19 -3.61 -5.07 2.95
CA SER A 19 -3.83 -6.00 1.85
C SER A 19 -2.61 -6.07 0.94
N ILE A 20 -1.98 -4.93 0.70
CA ILE A 20 -0.81 -4.86 -0.15
C ILE A 20 0.41 -4.37 0.63
N ALA A 21 1.60 -4.67 0.12
CA ALA A 21 2.84 -4.26 0.78
C ALA A 21 2.82 -2.77 1.13
N TYR A 22 3.22 -2.45 2.36
CA TYR A 22 3.24 -1.07 2.80
C TYR A 22 4.66 -0.53 2.85
N GLY A 23 4.78 0.79 2.91
CA GLY A 23 6.09 1.42 2.97
C GLY A 23 6.71 1.59 1.59
N GLY A 24 5.92 2.08 0.65
CA GLY A 24 6.41 2.29 -0.70
C GLY A 24 5.56 1.58 -1.74
N GLY A 25 5.96 0.37 -2.11
CA GLY A 25 5.23 -0.40 -3.09
C GLY A 25 5.89 -0.37 -4.46
N GLY A 1 2.00 -11.95 0.11
CA GLY A 1 2.79 -11.50 -1.06
C GLY A 1 2.36 -10.15 -1.58
N VAL A 2 3.05 -9.65 -2.59
CA VAL A 2 2.73 -8.35 -3.19
C VAL A 2 2.80 -8.40 -4.71
N VAL A 3 1.64 -8.42 -5.34
CA VAL A 3 1.57 -8.47 -6.80
C VAL A 3 0.24 -7.94 -7.32
N ARG A 4 -0.31 -6.97 -6.59
CA ARG A 4 -1.58 -6.36 -6.95
C ARG A 4 -1.86 -5.13 -6.11
N GLN A 5 -1.91 -3.97 -6.76
CA GLN A 5 -2.18 -2.71 -6.06
C GLN A 5 -3.63 -2.29 -6.22
N TRP A 6 -4.08 -1.39 -5.35
CA TRP A 6 -5.45 -0.90 -5.40
C TRP A 6 -5.51 0.52 -4.80
N SER A 7 -6.66 0.89 -4.24
CA SER A 7 -6.83 2.22 -3.65
C SER A 7 -6.55 2.19 -2.16
N GLY A 8 -5.61 1.34 -1.74
CA GLY A 8 -5.28 1.25 -0.33
C GLY A 8 -4.17 2.20 0.08
N TYR A 9 -3.27 2.49 -0.87
CA TYR A 9 -2.15 3.39 -0.60
C TYR A 9 -2.64 4.73 -0.06
N ASP A 10 -2.27 5.03 1.18
CA ASP A 10 -2.67 6.28 1.81
C ASP A 10 -1.53 7.30 1.78
N PRO A 11 -1.66 8.35 0.92
CA PRO A 11 -0.64 9.39 0.80
C PRO A 11 -0.55 10.23 2.06
N ARG A 12 -1.70 10.47 2.68
CA ARG A 12 -1.76 11.26 3.91
C ARG A 12 -0.81 10.71 4.97
N THR A 13 -0.59 9.39 4.95
CA THR A 13 0.29 8.76 5.91
C THR A 13 1.47 8.06 5.24
N GLY A 14 1.62 8.31 3.94
CA GLY A 14 2.70 7.70 3.18
C GLY A 14 2.90 6.22 3.49
N THR A 15 1.83 5.54 3.86
CA THR A 15 1.90 4.13 4.17
C THR A 15 0.64 3.39 3.73
N TRP A 16 0.79 2.11 3.42
CA TRP A 16 -0.34 1.29 2.98
C TRP A 16 -1.16 0.81 4.17
N ARG A 17 -2.28 0.14 3.90
CA ARG A 17 -3.15 -0.36 4.95
C ARG A 17 -3.51 -1.82 4.72
N SER A 18 -3.84 -2.15 3.48
CA SER A 18 -4.22 -3.52 3.12
C SER A 18 -3.05 -4.47 3.31
N SER A 19 -3.23 -5.71 2.84
CA SER A 19 -2.18 -6.72 2.94
C SER A 19 -1.00 -6.39 2.02
N ILE A 20 -1.20 -5.45 1.11
CA ILE A 20 -0.15 -5.05 0.18
C ILE A 20 1.06 -4.49 0.94
N ALA A 21 2.23 -4.64 0.34
CA ALA A 21 3.46 -4.14 0.96
C ALA A 21 3.33 -2.67 1.34
N TYR A 22 3.54 -2.37 2.61
CA TYR A 22 3.43 -1.01 3.11
C TYR A 22 4.78 -0.30 3.07
N GLY A 23 4.74 1.02 3.14
CA GLY A 23 5.96 1.80 3.11
C GLY A 23 6.24 2.39 1.74
N GLY A 24 5.78 1.69 0.70
CA GLY A 24 6.00 2.16 -0.66
C GLY A 24 5.95 1.03 -1.67
N GLY A 25 4.95 1.05 -2.53
CA GLY A 25 4.81 0.01 -3.55
C GLY A 25 5.23 0.50 -4.92
N GLY A 1 7.55 -10.09 -1.22
CA GLY A 1 6.06 -10.12 -1.21
C GLY A 1 5.46 -9.32 -2.36
N VAL A 2 5.37 -9.94 -3.53
CA VAL A 2 4.81 -9.30 -4.70
C VAL A 2 3.31 -9.58 -4.82
N VAL A 3 2.53 -8.52 -4.97
CA VAL A 3 1.09 -8.65 -5.10
C VAL A 3 0.50 -7.53 -5.94
N ARG A 4 -0.82 -7.51 -6.08
CA ARG A 4 -1.49 -6.48 -6.87
C ARG A 4 -1.76 -5.24 -6.03
N GLN A 5 -1.83 -4.09 -6.70
CA GLN A 5 -2.07 -2.83 -6.02
C GLN A 5 -3.53 -2.40 -6.16
N TRP A 6 -3.88 -1.29 -5.54
CA TRP A 6 -5.24 -0.78 -5.59
C TRP A 6 -5.31 0.63 -5.00
N SER A 7 -6.51 1.05 -4.57
CA SER A 7 -6.68 2.38 -4.01
C SER A 7 -6.59 2.35 -2.48
N GLY A 8 -5.64 1.57 -1.97
CA GLY A 8 -5.47 1.47 -0.53
C GLY A 8 -4.41 2.42 -0.01
N TYR A 9 -3.46 2.76 -0.88
CA TYR A 9 -2.37 3.66 -0.49
C TYR A 9 -2.91 4.92 0.18
N ASP A 10 -2.50 5.13 1.43
CA ASP A 10 -2.95 6.30 2.19
C ASP A 10 -1.86 7.38 2.21
N PRO A 11 -1.93 8.35 1.27
CA PRO A 11 -0.94 9.43 1.21
C PRO A 11 -0.97 10.32 2.45
N ARG A 12 -2.03 10.21 3.24
CA ARG A 12 -2.19 11.00 4.45
C ARG A 12 -1.07 10.67 5.44
N THR A 13 -0.76 9.38 5.55
CA THR A 13 0.30 8.94 6.47
C THR A 13 1.42 8.21 5.72
N GLY A 14 1.41 8.34 4.40
CA GLY A 14 2.43 7.70 3.58
C GLY A 14 2.64 6.24 3.93
N THR A 15 1.58 5.44 3.81
CA THR A 15 1.66 4.02 4.10
C THR A 15 0.55 3.25 3.39
N TRP A 16 0.59 1.92 3.52
CA TRP A 16 -0.41 1.06 2.88
C TRP A 16 -1.26 0.37 3.94
N ARG A 17 -2.56 0.68 3.95
CA ARG A 17 -3.49 0.09 4.91
C ARG A 17 -3.71 -1.39 4.65
N SER A 18 -3.92 -1.74 3.39
CA SER A 18 -4.16 -3.12 3.01
C SER A 18 -2.91 -3.97 3.24
N SER A 19 -3.06 -5.29 3.13
CA SER A 19 -1.96 -6.22 3.33
C SER A 19 -0.88 -6.00 2.26
N ILE A 20 -1.24 -5.32 1.18
CA ILE A 20 -0.31 -5.06 0.09
C ILE A 20 0.99 -4.45 0.63
N ALA A 21 2.08 -4.63 -0.11
CA ALA A 21 3.38 -4.10 0.29
C ALA A 21 3.27 -2.64 0.72
N TYR A 22 3.74 -2.35 1.94
CA TYR A 22 3.68 -0.99 2.46
C TYR A 22 5.04 -0.30 2.33
N GLY A 23 5.02 1.03 2.42
CA GLY A 23 6.26 1.79 2.30
C GLY A 23 6.97 1.56 0.99
N GLY A 24 6.30 1.86 -0.11
CA GLY A 24 6.89 1.68 -1.42
C GLY A 24 5.89 1.15 -2.44
N GLY A 25 5.96 -0.14 -2.71
CA GLY A 25 5.05 -0.74 -3.67
C GLY A 25 5.70 -0.99 -5.01
N GLY A 1 7.58 -10.96 -4.13
CA GLY A 1 7.67 -9.62 -3.46
C GLY A 1 6.63 -8.65 -3.96
N VAL A 2 6.52 -8.52 -5.27
CA VAL A 2 5.55 -7.62 -5.88
C VAL A 2 4.19 -8.29 -6.03
N VAL A 3 3.14 -7.49 -5.92
CA VAL A 3 1.78 -8.00 -6.05
C VAL A 3 0.84 -6.94 -6.61
N ARG A 4 -0.44 -7.27 -6.71
CA ARG A 4 -1.43 -6.34 -7.25
C ARG A 4 -1.59 -5.12 -6.35
N GLN A 5 -1.67 -3.95 -6.96
CA GLN A 5 -1.82 -2.70 -6.20
C GLN A 5 -3.27 -2.24 -6.20
N TRP A 6 -3.57 -1.24 -5.38
CA TRP A 6 -4.92 -0.70 -5.28
C TRP A 6 -4.92 0.58 -4.45
N SER A 7 -6.06 0.92 -3.85
CA SER A 7 -6.18 2.13 -3.05
C SER A 7 -5.50 1.98 -1.69
N GLY A 8 -4.91 0.81 -1.44
CA GLY A 8 -4.23 0.58 -0.17
C GLY A 8 -3.28 1.69 0.20
N TYR A 9 -2.76 2.39 -0.81
CA TYR A 9 -1.82 3.48 -0.59
C TYR A 9 -2.55 4.74 -0.10
N ASP A 10 -2.25 5.16 1.12
CA ASP A 10 -2.88 6.33 1.70
C ASP A 10 -1.86 7.47 1.87
N PRO A 11 -1.87 8.46 0.95
CA PRO A 11 -0.95 9.59 1.02
C PRO A 11 -1.10 10.39 2.31
N ARG A 12 -2.29 10.30 2.92
CA ARG A 12 -2.57 11.00 4.15
C ARG A 12 -1.59 10.57 5.25
N THR A 13 -1.15 9.32 5.18
CA THR A 13 -0.22 8.79 6.16
C THR A 13 1.06 8.27 5.50
N GLY A 14 1.22 8.61 4.23
CA GLY A 14 2.39 8.18 3.49
C GLY A 14 2.70 6.71 3.66
N THR A 15 1.68 5.91 3.92
CA THR A 15 1.86 4.48 4.11
C THR A 15 0.61 3.71 3.67
N TRP A 16 0.83 2.54 3.07
CA TRP A 16 -0.27 1.71 2.60
C TRP A 16 -1.14 1.25 3.77
N ARG A 17 -2.22 0.53 3.46
CA ARG A 17 -3.13 0.04 4.49
C ARG A 17 -2.59 -1.23 5.15
N SER A 18 -2.83 -2.37 4.53
CA SER A 18 -2.38 -3.65 5.07
C SER A 18 -2.57 -4.78 4.05
N SER A 19 -3.68 -4.74 3.33
CA SER A 19 -3.98 -5.76 2.32
C SER A 19 -2.77 -6.04 1.43
N ILE A 20 -2.07 -4.98 1.05
CA ILE A 20 -0.90 -5.10 0.20
C ILE A 20 0.34 -4.58 0.91
N ALA A 21 1.51 -5.05 0.49
CA ALA A 21 2.77 -4.63 1.10
C ALA A 21 2.87 -3.11 1.16
N TYR A 22 3.21 -2.59 2.34
CA TYR A 22 3.35 -1.15 2.52
C TYR A 22 4.79 -0.70 2.32
N GLY A 23 5.03 0.59 2.49
CA GLY A 23 6.36 1.13 2.32
C GLY A 23 6.79 1.15 0.87
N GLY A 24 5.89 1.55 -0.01
CA GLY A 24 6.20 1.60 -1.43
C GLY A 24 5.74 0.37 -2.17
N GLY A 25 4.62 0.51 -2.89
CA GLY A 25 4.09 -0.61 -3.65
C GLY A 25 4.45 -0.55 -5.12
N GLY A 1 8.17 -9.13 -5.36
CA GLY A 1 7.95 -7.67 -5.18
C GLY A 1 6.67 -7.19 -5.82
N VAL A 2 6.49 -7.50 -7.10
CA VAL A 2 5.30 -7.10 -7.83
C VAL A 2 4.04 -7.69 -7.19
N VAL A 3 3.04 -6.83 -6.96
CA VAL A 3 1.79 -7.26 -6.37
C VAL A 3 0.62 -6.44 -6.88
N ARG A 4 -0.58 -6.77 -6.42
CA ARG A 4 -1.79 -6.07 -6.83
C ARG A 4 -1.97 -4.78 -6.05
N GLN A 5 -2.14 -3.67 -6.76
CA GLN A 5 -2.32 -2.37 -6.13
C GLN A 5 -3.79 -1.98 -6.09
N TRP A 6 -4.13 -1.08 -5.16
CA TRP A 6 -5.50 -0.62 -5.02
C TRP A 6 -5.55 0.59 -4.07
N SER A 7 -6.71 0.82 -3.45
CA SER A 7 -6.88 1.94 -2.53
C SER A 7 -5.98 1.78 -1.30
N GLY A 8 -5.39 0.61 -1.12
CA GLY A 8 -4.52 0.37 0.01
C GLY A 8 -3.50 1.47 0.24
N TYR A 9 -3.14 2.17 -0.84
CA TYR A 9 -2.19 3.26 -0.75
C TYR A 9 -2.86 4.54 -0.24
N ASP A 10 -2.43 5.02 0.92
CA ASP A 10 -3.00 6.23 1.51
C ASP A 10 -1.95 7.34 1.57
N PRO A 11 -2.02 8.32 0.65
CA PRO A 11 -1.08 9.44 0.63
C PRO A 11 -1.12 10.27 1.91
N ARG A 12 -2.19 10.11 2.67
CA ARG A 12 -2.35 10.83 3.93
C ARG A 12 -1.18 10.56 4.85
N THR A 13 -0.62 9.36 4.77
CA THR A 13 0.52 8.97 5.59
C THR A 13 1.63 8.33 4.75
N GLY A 14 1.51 8.47 3.43
CA GLY A 14 2.51 7.90 2.54
C GLY A 14 2.81 6.44 2.82
N THR A 15 1.79 5.70 3.23
CA THR A 15 1.97 4.28 3.54
C THR A 15 0.70 3.49 3.21
N TRP A 16 0.89 2.30 2.66
CA TRP A 16 -0.22 1.43 2.29
C TRP A 16 -1.05 1.08 3.53
N ARG A 17 -2.05 0.22 3.34
CA ARG A 17 -2.90 -0.20 4.45
C ARG A 17 -2.44 -1.52 5.04
N SER A 18 -2.86 -2.62 4.43
CA SER A 18 -2.48 -3.95 4.91
C SER A 18 -2.64 -5.00 3.82
N SER A 19 -3.76 -4.93 3.09
CA SER A 19 -4.03 -5.87 2.02
C SER A 19 -2.81 -6.05 1.11
N ILE A 20 -2.10 -4.95 0.87
CA ILE A 20 -0.91 -4.98 0.03
C ILE A 20 0.32 -4.54 0.82
N ALA A 21 1.50 -4.97 0.38
CA ALA A 21 2.75 -4.61 1.05
C ALA A 21 2.83 -3.10 1.28
N TYR A 22 3.13 -2.71 2.51
CA TYR A 22 3.23 -1.31 2.87
C TYR A 22 4.69 -0.90 3.05
N GLY A 23 4.92 0.41 3.06
CA GLY A 23 6.26 0.92 3.24
C GLY A 23 7.00 1.10 1.92
N GLY A 24 6.37 1.83 1.01
CA GLY A 24 6.98 2.07 -0.30
C GLY A 24 6.10 1.62 -1.44
N GLY A 25 6.14 0.32 -1.74
CA GLY A 25 5.33 -0.22 -2.81
C GLY A 25 5.72 0.35 -4.17
N GLY A 1 4.12 -10.92 0.31
CA GLY A 1 4.14 -10.76 -1.17
C GLY A 1 3.20 -9.68 -1.64
N VAL A 2 3.39 -9.24 -2.89
CA VAL A 2 2.55 -8.19 -3.46
C VAL A 2 2.27 -8.46 -4.94
N VAL A 3 1.00 -8.46 -5.30
CA VAL A 3 0.60 -8.71 -6.68
C VAL A 3 -0.79 -8.12 -6.97
N ARG A 4 -1.06 -6.99 -6.35
CA ARG A 4 -2.35 -6.32 -6.54
C ARG A 4 -2.33 -4.92 -5.92
N GLN A 5 -2.31 -3.90 -6.77
CA GLN A 5 -2.29 -2.52 -6.31
C GLN A 5 -3.69 -1.91 -6.38
N TRP A 6 -4.01 -1.07 -5.41
CA TRP A 6 -5.32 -0.40 -5.38
C TRP A 6 -5.29 0.79 -4.42
N SER A 7 -6.45 1.14 -3.85
CA SER A 7 -6.54 2.27 -2.93
C SER A 7 -5.74 2.03 -1.66
N GLY A 8 -5.21 0.81 -1.49
CA GLY A 8 -4.44 0.48 -0.31
C GLY A 8 -3.44 1.57 0.07
N TYR A 9 -2.97 2.32 -0.92
CA TYR A 9 -2.03 3.40 -0.68
C TYR A 9 -2.74 4.63 -0.13
N ASP A 10 -2.33 5.05 1.06
CA ASP A 10 -2.93 6.22 1.69
C ASP A 10 -1.93 7.37 1.78
N PRO A 11 -2.01 8.34 0.83
CA PRO A 11 -1.11 9.49 0.81
C PRO A 11 -1.24 10.34 2.08
N ARG A 12 -2.38 10.24 2.73
CA ARG A 12 -2.64 10.99 3.95
C ARG A 12 -1.62 10.63 5.03
N THR A 13 -1.29 9.34 5.11
CA THR A 13 -0.33 8.87 6.10
C THR A 13 0.94 8.33 5.43
N GLY A 14 1.09 8.62 4.15
CA GLY A 14 2.25 8.17 3.41
C GLY A 14 2.57 6.70 3.64
N THR A 15 1.54 5.87 3.75
CA THR A 15 1.73 4.45 3.98
C THR A 15 0.56 3.64 3.41
N TRP A 16 0.83 2.38 3.11
CA TRP A 16 -0.18 1.48 2.55
C TRP A 16 -1.03 0.87 3.65
N ARG A 17 -2.23 0.40 3.29
CA ARG A 17 -3.13 -0.21 4.26
C ARG A 17 -2.54 -1.48 4.85
N SER A 18 -2.60 -2.57 4.10
CA SER A 18 -2.07 -3.84 4.55
C SER A 18 -2.04 -4.86 3.42
N SER A 19 -3.10 -4.89 2.62
CA SER A 19 -3.20 -5.82 1.50
C SER A 19 -1.94 -5.75 0.62
N ILE A 20 -1.33 -4.57 0.58
CA ILE A 20 -0.13 -4.37 -0.21
C ILE A 20 1.07 -4.12 0.70
N ALA A 21 2.25 -4.55 0.25
CA ALA A 21 3.47 -4.37 1.03
C ALA A 21 3.72 -2.90 1.31
N TYR A 22 3.28 -2.44 2.47
CA TYR A 22 3.44 -1.05 2.86
C TYR A 22 4.91 -0.67 2.94
N GLY A 23 5.17 0.63 2.97
CA GLY A 23 6.53 1.12 3.05
C GLY A 23 7.19 1.27 1.69
N GLY A 24 6.41 1.72 0.71
CA GLY A 24 6.93 1.90 -0.62
C GLY A 24 5.95 1.47 -1.69
N GLY A 25 5.98 0.19 -2.05
CA GLY A 25 5.09 -0.32 -3.08
C GLY A 25 5.68 -1.49 -3.84
N GLY A 1 2.26 -12.61 0.88
CA GLY A 1 2.27 -12.96 -0.57
C GLY A 1 1.34 -12.07 -1.38
N VAL A 2 1.77 -10.84 -1.65
CA VAL A 2 0.97 -9.90 -2.41
C VAL A 2 1.83 -9.12 -3.40
N VAL A 3 1.30 -8.89 -4.60
CA VAL A 3 2.02 -8.16 -5.63
C VAL A 3 1.07 -7.37 -6.52
N ARG A 4 0.05 -6.79 -5.91
CA ARG A 4 -0.95 -6.02 -6.65
C ARG A 4 -1.27 -4.73 -5.92
N GLN A 5 -1.39 -3.64 -6.69
CA GLN A 5 -1.71 -2.33 -6.13
C GLN A 5 -3.19 -2.01 -6.30
N TRP A 6 -3.64 -0.95 -5.63
CA TRP A 6 -5.04 -0.53 -5.72
C TRP A 6 -5.23 0.83 -5.05
N SER A 7 -6.48 1.19 -4.82
CA SER A 7 -6.80 2.47 -4.18
C SER A 7 -6.89 2.33 -2.67
N GLY A 8 -5.89 1.69 -2.09
CA GLY A 8 -5.87 1.50 -0.64
C GLY A 8 -4.79 2.32 0.04
N TYR A 9 -3.72 2.59 -0.69
CA TYR A 9 -2.60 3.37 -0.14
C TYR A 9 -3.08 4.75 0.33
N ASP A 10 -2.60 5.16 1.50
CA ASP A 10 -2.97 6.45 2.06
C ASP A 10 -1.79 7.42 2.01
N PRO A 11 -1.80 8.36 1.04
CA PRO A 11 -0.73 9.35 0.89
C PRO A 11 -0.63 10.26 2.10
N ARG A 12 -1.79 10.61 2.65
CA ARG A 12 -1.87 11.48 3.82
C ARG A 12 -1.01 10.95 4.96
N THR A 13 -0.85 9.62 5.02
CA THR A 13 -0.05 8.99 6.06
C THR A 13 1.16 8.26 5.49
N GLY A 14 1.39 8.43 4.20
CA GLY A 14 2.51 7.78 3.54
C GLY A 14 2.71 6.34 3.96
N THR A 15 1.63 5.56 3.93
CA THR A 15 1.69 4.15 4.31
C THR A 15 0.55 3.37 3.68
N TRP A 16 0.78 2.08 3.45
CA TRP A 16 -0.23 1.22 2.85
C TRP A 16 -1.15 0.62 3.92
N ARG A 17 -2.28 0.09 3.49
CA ARG A 17 -3.24 -0.50 4.41
C ARG A 17 -2.64 -1.71 5.14
N SER A 18 -2.70 -2.87 4.51
CA SER A 18 -2.17 -4.09 5.12
C SER A 18 -2.14 -5.23 4.11
N SER A 19 -3.23 -5.39 3.35
CA SER A 19 -3.33 -6.45 2.36
C SER A 19 -2.19 -6.36 1.35
N ILE A 20 -1.79 -5.15 1.01
CA ILE A 20 -0.70 -4.94 0.06
C ILE A 20 0.57 -4.51 0.80
N ALA A 21 1.71 -4.89 0.24
CA ALA A 21 3.00 -4.54 0.83
C ALA A 21 3.14 -3.05 1.02
N TYR A 22 3.56 -2.62 2.21
CA TYR A 22 3.72 -1.21 2.51
C TYR A 22 5.17 -0.78 2.30
N GLY A 23 5.37 0.54 2.18
CA GLY A 23 6.71 1.06 1.97
C GLY A 23 6.99 1.36 0.51
N GLY A 24 6.06 2.07 -0.13
CA GLY A 24 6.23 2.41 -1.54
C GLY A 24 5.92 1.25 -2.46
N GLY A 25 4.96 0.42 -2.06
CA GLY A 25 4.58 -0.72 -2.87
C GLY A 25 3.75 -0.33 -4.07
N GLY A 1 3.97 -14.51 -3.58
CA GLY A 1 4.05 -13.39 -2.60
C GLY A 1 3.01 -12.31 -2.87
N VAL A 2 3.48 -11.08 -3.07
CA VAL A 2 2.59 -9.96 -3.33
C VAL A 2 3.15 -9.06 -4.43
N VAL A 3 2.34 -8.80 -5.45
CA VAL A 3 2.75 -7.95 -6.56
C VAL A 3 1.54 -7.30 -7.23
N ARG A 4 0.56 -6.91 -6.42
CA ARG A 4 -0.64 -6.28 -6.93
C ARG A 4 -1.00 -5.04 -6.11
N GLN A 5 -1.28 -3.94 -6.80
CA GLN A 5 -1.64 -2.70 -6.13
C GLN A 5 -3.15 -2.50 -6.12
N TRP A 6 -3.60 -1.43 -5.45
CA TRP A 6 -5.02 -1.13 -5.36
C TRP A 6 -5.23 0.25 -4.75
N SER A 7 -6.46 0.52 -4.33
CA SER A 7 -6.80 1.82 -3.73
C SER A 7 -6.60 1.78 -2.21
N GLY A 8 -5.48 1.22 -1.78
CA GLY A 8 -5.18 1.13 -0.36
C GLY A 8 -3.98 1.96 0.04
N TYR A 9 -3.79 3.08 -0.65
CA TYR A 9 -2.67 3.97 -0.36
C TYR A 9 -3.12 5.15 0.48
N ASP A 10 -2.48 5.33 1.63
CA ASP A 10 -2.82 6.42 2.54
C ASP A 10 -1.80 7.56 2.42
N PRO A 11 -2.07 8.56 1.55
CA PRO A 11 -1.18 9.70 1.36
C PRO A 11 -1.02 10.52 2.63
N ARG A 12 -1.99 10.40 3.53
CA ARG A 12 -1.96 11.13 4.79
C ARG A 12 -0.76 10.72 5.62
N THR A 13 -0.41 9.44 5.56
CA THR A 13 0.73 8.91 6.31
C THR A 13 1.77 8.28 5.38
N GLY A 14 1.67 8.61 4.10
CA GLY A 14 2.61 8.08 3.12
C GLY A 14 2.84 6.58 3.27
N THR A 15 1.74 5.83 3.41
CA THR A 15 1.83 4.38 3.55
C THR A 15 0.55 3.71 3.08
N TRP A 16 0.65 2.43 2.72
CA TRP A 16 -0.50 1.66 2.25
C TRP A 16 -1.36 1.22 3.43
N ARG A 17 -2.42 0.47 3.13
CA ARG A 17 -3.32 -0.01 4.16
C ARG A 17 -2.73 -1.21 4.91
N SER A 18 -2.88 -2.40 4.34
CA SER A 18 -2.36 -3.62 4.95
C SER A 18 -2.43 -4.80 3.99
N SER A 19 -3.54 -4.90 3.27
CA SER A 19 -3.74 -5.99 2.31
C SER A 19 -2.54 -6.12 1.37
N ILE A 20 -1.95 -4.99 0.99
CA ILE A 20 -0.80 -4.98 0.11
C ILE A 20 0.44 -4.47 0.82
N ALA A 21 1.61 -4.84 0.32
CA ALA A 21 2.87 -4.42 0.91
C ALA A 21 2.92 -2.91 1.09
N TYR A 22 3.14 -2.47 2.32
CA TYR A 22 3.21 -1.04 2.61
C TYR A 22 4.62 -0.50 2.39
N GLY A 23 4.72 0.82 2.27
CA GLY A 23 6.02 1.45 2.05
C GLY A 23 6.55 1.21 0.66
N GLY A 24 5.94 1.87 -0.33
CA GLY A 24 6.38 1.71 -1.70
C GLY A 24 5.36 0.96 -2.55
N GLY A 25 4.86 -0.16 -2.03
CA GLY A 25 3.89 -0.95 -2.76
C GLY A 25 4.52 -2.10 -3.51
N GLY A 1 7.09 -9.55 -1.60
CA GLY A 1 6.73 -10.34 -2.81
C GLY A 1 5.27 -10.17 -3.20
N VAL A 2 4.81 -8.92 -3.23
CA VAL A 2 3.43 -8.64 -3.60
C VAL A 2 3.32 -8.24 -5.06
N VAL A 3 2.11 -8.37 -5.62
CA VAL A 3 1.89 -8.02 -7.03
C VAL A 3 0.42 -7.66 -7.28
N ARG A 4 -0.16 -6.89 -6.38
CA ARG A 4 -1.55 -6.47 -6.52
C ARG A 4 -1.80 -5.14 -5.81
N GLN A 5 -1.91 -4.08 -6.59
CA GLN A 5 -2.14 -2.75 -6.04
C GLN A 5 -3.60 -2.36 -6.17
N TRP A 6 -4.01 -1.35 -5.40
CA TRP A 6 -5.38 -0.87 -5.41
C TRP A 6 -5.45 0.55 -4.83
N SER A 7 -6.60 0.93 -4.29
CA SER A 7 -6.78 2.26 -3.71
C SER A 7 -6.53 2.24 -2.20
N GLY A 8 -5.54 1.45 -1.78
CA GLY A 8 -5.23 1.37 -0.36
C GLY A 8 -4.14 2.33 0.05
N TYR A 9 -3.24 2.67 -0.87
CA TYR A 9 -2.14 3.58 -0.60
C TYR A 9 -2.67 4.90 -0.02
N ASP A 10 -2.34 5.16 1.24
CA ASP A 10 -2.78 6.37 1.91
C ASP A 10 -1.68 7.43 1.89
N PRO A 11 -1.86 8.51 1.10
CA PRO A 11 -0.87 9.59 1.01
C PRO A 11 -0.72 10.34 2.32
N ARG A 12 -1.85 10.54 2.99
CA ARG A 12 -1.86 11.26 4.28
C ARG A 12 -0.84 10.66 5.24
N THR A 13 -0.85 9.34 5.36
CA THR A 13 0.07 8.65 6.26
C THR A 13 1.24 8.03 5.50
N GLY A 14 1.36 8.37 4.22
CA GLY A 14 2.44 7.85 3.40
C GLY A 14 2.70 6.36 3.62
N THR A 15 1.65 5.62 3.96
CA THR A 15 1.79 4.19 4.19
C THR A 15 0.54 3.44 3.75
N TRP A 16 0.72 2.17 3.37
CA TRP A 16 -0.39 1.34 2.92
C TRP A 16 -1.23 0.86 4.11
N ARG A 17 -2.46 0.45 3.84
CA ARG A 17 -3.36 -0.03 4.89
C ARG A 17 -3.71 -1.50 4.69
N SER A 18 -3.76 -1.92 3.43
CA SER A 18 -4.10 -3.31 3.10
C SER A 18 -2.90 -4.23 3.30
N SER A 19 -3.08 -5.49 2.95
CA SER A 19 -2.01 -6.48 3.08
C SER A 19 -0.85 -6.18 2.13
N ILE A 20 -1.11 -5.36 1.12
CA ILE A 20 -0.07 -5.02 0.15
C ILE A 20 1.14 -4.40 0.84
N ALA A 21 2.32 -4.61 0.26
CA ALA A 21 3.56 -4.08 0.83
C ALA A 21 3.41 -2.60 1.17
N TYR A 22 3.60 -2.28 2.45
CA TYR A 22 3.48 -0.91 2.92
C TYR A 22 4.78 -0.14 2.69
N GLY A 23 4.71 1.18 2.80
CA GLY A 23 5.89 2.01 2.61
C GLY A 23 6.50 1.84 1.24
N GLY A 24 5.67 1.47 0.26
CA GLY A 24 6.17 1.28 -1.09
C GLY A 24 5.46 0.14 -1.80
N GLY A 25 5.38 0.23 -3.12
CA GLY A 25 4.73 -0.82 -3.90
C GLY A 25 5.73 -1.77 -4.51
N GLY A 1 5.74 -15.74 -4.28
CA GLY A 1 4.87 -14.70 -3.67
C GLY A 1 4.87 -13.42 -4.46
N VAL A 2 3.73 -13.09 -5.06
CA VAL A 2 3.59 -11.87 -5.87
C VAL A 2 2.25 -11.20 -5.64
N VAL A 3 2.27 -9.91 -5.33
CA VAL A 3 1.05 -9.16 -5.09
C VAL A 3 0.86 -8.07 -6.15
N ARG A 4 -0.16 -7.25 -5.98
CA ARG A 4 -0.44 -6.18 -6.92
C ARG A 4 -0.86 -4.90 -6.18
N GLN A 5 -0.97 -3.81 -6.93
CA GLN A 5 -1.36 -2.53 -6.35
C GLN A 5 -2.87 -2.33 -6.41
N TRP A 6 -3.35 -1.28 -5.74
CA TRP A 6 -4.77 -0.97 -5.71
C TRP A 6 -5.01 0.41 -5.10
N SER A 7 -6.26 0.69 -4.75
CA SER A 7 -6.62 1.97 -4.14
C SER A 7 -6.51 1.91 -2.63
N GLY A 8 -5.41 1.35 -2.13
CA GLY A 8 -5.22 1.25 -0.69
C GLY A 8 -4.04 2.07 -0.20
N TYR A 9 -3.77 3.16 -0.90
CA TYR A 9 -2.66 4.05 -0.54
C TYR A 9 -3.16 5.21 0.32
N ASP A 10 -2.54 5.38 1.49
CA ASP A 10 -2.92 6.45 2.40
C ASP A 10 -1.87 7.57 2.41
N PRO A 11 -2.16 8.70 1.74
CA PRO A 11 -1.24 9.84 1.68
C PRO A 11 -1.03 10.46 3.06
N ARG A 12 -2.10 10.52 3.83
CA ARG A 12 -2.04 11.08 5.17
C ARG A 12 -0.94 10.42 6.01
N THR A 13 -0.66 9.16 5.71
CA THR A 13 0.37 8.42 6.43
C THR A 13 1.48 7.94 5.50
N GLY A 14 1.48 8.45 4.28
CA GLY A 14 2.49 8.09 3.30
C GLY A 14 2.78 6.60 3.26
N THR A 15 1.76 5.79 3.59
CA THR A 15 1.91 4.35 3.58
C THR A 15 0.61 3.66 3.21
N TRP A 16 0.72 2.44 2.69
CA TRP A 16 -0.45 1.66 2.28
C TRP A 16 -1.27 1.23 3.50
N ARG A 17 -2.32 0.46 3.26
CA ARG A 17 -3.18 -0.01 4.34
C ARG A 17 -2.57 -1.22 5.04
N SER A 18 -2.67 -2.39 4.40
CA SER A 18 -2.14 -3.61 4.96
C SER A 18 -2.17 -4.75 3.94
N SER A 19 -3.25 -4.83 3.17
CA SER A 19 -3.41 -5.87 2.16
C SER A 19 -2.19 -5.92 1.25
N ILE A 20 -1.57 -4.77 1.03
CA ILE A 20 -0.40 -4.69 0.17
C ILE A 20 0.83 -4.23 0.96
N ALA A 21 2.01 -4.55 0.46
CA ALA A 21 3.25 -4.17 1.13
C ALA A 21 3.30 -2.67 1.39
N TYR A 22 3.24 -2.29 2.66
CA TYR A 22 3.27 -0.89 3.05
C TYR A 22 4.62 -0.25 2.69
N GLY A 23 4.59 1.05 2.45
CA GLY A 23 5.81 1.76 2.11
C GLY A 23 6.45 1.23 0.84
N GLY A 24 5.67 1.17 -0.23
CA GLY A 24 6.19 0.68 -1.50
C GLY A 24 5.23 -0.27 -2.18
N GLY A 25 4.69 0.14 -3.33
CA GLY A 25 3.76 -0.69 -4.06
C GLY A 25 3.77 -0.39 -5.55
N GLY A 1 6.94 -11.28 -3.94
CA GLY A 1 7.45 -9.95 -4.39
C GLY A 1 6.34 -9.01 -4.80
N VAL A 2 6.01 -9.01 -6.08
CA VAL A 2 4.97 -8.15 -6.60
C VAL A 2 3.58 -8.78 -6.41
N VAL A 3 2.57 -7.94 -6.20
CA VAL A 3 1.21 -8.43 -6.00
C VAL A 3 0.20 -7.42 -6.53
N ARG A 4 -1.09 -7.73 -6.35
CA ARG A 4 -2.15 -6.86 -6.82
C ARG A 4 -2.24 -5.58 -5.98
N GLN A 5 -2.26 -4.44 -6.65
CA GLN A 5 -2.34 -3.16 -5.97
C GLN A 5 -3.77 -2.61 -6.00
N TRP A 6 -3.98 -1.48 -5.35
CA TRP A 6 -5.29 -0.85 -5.30
C TRP A 6 -5.19 0.56 -4.70
N SER A 7 -6.29 1.04 -4.11
CA SER A 7 -6.29 2.37 -3.51
C SER A 7 -5.97 2.32 -2.02
N GLY A 8 -5.29 1.26 -1.60
CA GLY A 8 -4.94 1.12 -0.20
C GLY A 8 -3.89 2.13 0.23
N TYR A 9 -2.98 2.47 -0.68
CA TYR A 9 -1.92 3.42 -0.37
C TYR A 9 -2.50 4.77 0.07
N ASP A 10 -2.07 5.22 1.24
CA ASP A 10 -2.54 6.50 1.78
C ASP A 10 -1.38 7.49 1.86
N PRO A 11 -1.22 8.35 0.83
CA PRO A 11 -0.15 9.36 0.79
C PRO A 11 -0.27 10.40 1.90
N ARG A 12 -1.42 10.43 2.56
CA ARG A 12 -1.64 11.40 3.64
C ARG A 12 -0.63 11.18 4.77
N THR A 13 -0.27 9.91 4.98
CA THR A 13 0.67 9.55 6.03
C THR A 13 1.66 8.49 5.54
N GLY A 14 1.76 8.34 4.24
CA GLY A 14 2.66 7.36 3.66
C GLY A 14 2.52 5.99 4.28
N THR A 15 1.38 5.34 4.04
CA THR A 15 1.13 4.00 4.58
C THR A 15 0.13 3.24 3.72
N TRP A 16 0.01 1.95 3.98
CA TRP A 16 -0.91 1.10 3.24
C TRP A 16 -1.93 0.44 4.17
N ARG A 17 -3.10 0.10 3.63
CA ARG A 17 -4.16 -0.52 4.42
C ARG A 17 -4.10 -2.03 4.33
N SER A 18 -4.36 -2.56 3.13
CA SER A 18 -4.35 -4.00 2.91
C SER A 18 -3.00 -4.60 3.25
N SER A 19 -2.85 -5.90 2.99
CA SER A 19 -1.60 -6.60 3.27
C SER A 19 -0.58 -6.38 2.16
N ILE A 20 -0.96 -5.62 1.14
CA ILE A 20 -0.06 -5.34 0.02
C ILE A 20 1.17 -4.60 0.51
N ALA A 21 2.24 -4.62 -0.29
CA ALA A 21 3.48 -3.94 0.07
C ALA A 21 3.22 -2.53 0.58
N TYR A 22 3.68 -2.25 1.80
CA TYR A 22 3.48 -0.95 2.40
C TYR A 22 4.75 -0.11 2.36
N GLY A 23 4.64 1.14 2.75
CA GLY A 23 5.79 2.03 2.76
C GLY A 23 6.30 2.31 1.35
N GLY A 24 5.39 2.69 0.46
CA GLY A 24 5.78 2.98 -0.91
C GLY A 24 5.16 2.03 -1.91
N GLY A 25 5.67 0.80 -1.93
CA GLY A 25 5.16 -0.20 -2.84
C GLY A 25 6.03 -0.36 -4.08
N GLY A 1 3.68 -12.55 0.01
CA GLY A 1 3.44 -13.05 -1.37
C GLY A 1 3.43 -11.93 -2.39
N VAL A 2 3.56 -12.30 -3.66
CA VAL A 2 3.55 -11.32 -4.74
C VAL A 2 2.14 -10.95 -5.15
N VAL A 3 1.84 -9.65 -5.16
CA VAL A 3 0.52 -9.17 -5.54
C VAL A 3 0.60 -7.82 -6.26
N ARG A 4 -0.55 -7.28 -6.61
CA ARG A 4 -0.61 -6.00 -7.30
C ARG A 4 -0.99 -4.88 -6.34
N GLN A 5 -1.13 -3.67 -6.88
CA GLN A 5 -1.48 -2.51 -6.07
C GLN A 5 -2.98 -2.22 -6.15
N TRP A 6 -3.41 -1.18 -5.45
CA TRP A 6 -4.82 -0.78 -5.45
C TRP A 6 -4.98 0.60 -4.82
N SER A 7 -6.17 0.90 -4.29
CA SER A 7 -6.43 2.19 -3.68
C SER A 7 -6.17 2.17 -2.18
N GLY A 8 -5.29 1.27 -1.74
CA GLY A 8 -4.97 1.17 -0.32
C GLY A 8 -4.03 2.26 0.13
N TYR A 9 -3.14 2.69 -0.76
CA TYR A 9 -2.18 3.74 -0.44
C TYR A 9 -2.85 4.92 0.25
N ASP A 10 -2.46 5.15 1.50
CA ASP A 10 -3.01 6.26 2.27
C ASP A 10 -2.06 7.44 2.30
N PRO A 11 -2.26 8.43 1.40
CA PRO A 11 -1.41 9.61 1.32
C PRO A 11 -1.49 10.46 2.60
N ARG A 12 -2.52 10.21 3.41
CA ARG A 12 -2.70 10.94 4.66
C ARG A 12 -1.52 10.70 5.60
N THR A 13 -0.99 9.47 5.58
CA THR A 13 0.14 9.12 6.41
C THR A 13 1.31 8.60 5.58
N GLY A 14 1.21 8.78 4.28
CA GLY A 14 2.27 8.33 3.37
C GLY A 14 2.63 6.87 3.56
N THR A 15 1.61 6.01 3.54
CA THR A 15 1.84 4.58 3.70
C THR A 15 0.69 3.78 3.10
N TRP A 16 0.76 2.46 3.23
CA TRP A 16 -0.28 1.58 2.70
C TRP A 16 -1.08 0.95 3.84
N ARG A 17 -2.31 0.54 3.54
CA ARG A 17 -3.16 -0.07 4.56
C ARG A 17 -2.54 -1.35 5.13
N SER A 18 -2.75 -2.48 4.46
CA SER A 18 -2.21 -3.75 4.91
C SER A 18 -2.38 -4.84 3.86
N SER A 19 -3.53 -4.84 3.19
CA SER A 19 -3.82 -5.84 2.16
C SER A 19 -2.64 -6.02 1.22
N ILE A 20 -1.90 -4.94 0.98
CA ILE A 20 -0.74 -4.98 0.09
C ILE A 20 0.49 -4.45 0.80
N ALA A 21 1.67 -4.87 0.34
CA ALA A 21 2.93 -4.43 0.94
C ALA A 21 3.00 -2.91 1.02
N TYR A 22 3.40 -2.41 2.18
CA TYR A 22 3.51 -0.97 2.40
C TYR A 22 4.94 -0.49 2.20
N GLY A 23 5.15 0.81 2.37
CA GLY A 23 6.48 1.38 2.20
C GLY A 23 6.75 1.79 0.77
N GLY A 24 6.62 0.84 -0.15
CA GLY A 24 6.87 1.12 -1.55
C GLY A 24 5.67 0.82 -2.43
N GLY A 25 5.58 -0.42 -2.91
CA GLY A 25 4.48 -0.81 -3.76
C GLY A 25 4.88 -0.95 -5.22
N GLY A 1 7.43 -7.18 -3.67
CA GLY A 1 6.97 -8.58 -3.42
C GLY A 1 5.57 -8.82 -3.96
N VAL A 2 4.65 -7.92 -3.63
CA VAL A 2 3.27 -8.05 -4.08
C VAL A 2 3.16 -7.88 -5.59
N VAL A 3 2.09 -8.39 -6.17
CA VAL A 3 1.88 -8.28 -7.61
C VAL A 3 0.47 -7.84 -7.95
N ARG A 4 -0.04 -6.90 -7.17
CA ARG A 4 -1.40 -6.38 -7.39
C ARG A 4 -1.67 -5.16 -6.51
N GLN A 5 -2.00 -4.05 -7.16
CA GLN A 5 -2.29 -2.80 -6.45
C GLN A 5 -3.79 -2.59 -6.31
N TRP A 6 -4.17 -1.53 -5.61
CA TRP A 6 -5.58 -1.21 -5.42
C TRP A 6 -5.74 0.19 -4.80
N SER A 7 -6.96 0.51 -4.37
CA SER A 7 -7.24 1.80 -3.77
C SER A 7 -7.07 1.75 -2.26
N GLY A 8 -5.97 1.14 -1.80
CA GLY A 8 -5.72 1.04 -0.38
C GLY A 8 -4.45 1.75 0.04
N TYR A 9 -4.14 2.84 -0.65
CA TYR A 9 -2.94 3.62 -0.35
C TYR A 9 -3.29 4.82 0.52
N ASP A 10 -2.42 5.11 1.49
CA ASP A 10 -2.63 6.24 2.40
C ASP A 10 -1.64 7.36 2.10
N PRO A 11 -2.08 8.42 1.39
CA PRO A 11 -1.22 9.55 1.05
C PRO A 11 -0.95 10.45 2.24
N ARG A 12 -1.93 10.55 3.14
CA ARG A 12 -1.80 11.39 4.33
C ARG A 12 -0.55 11.04 5.12
N THR A 13 -0.15 9.77 5.07
CA THR A 13 1.04 9.32 5.79
C THR A 13 2.00 8.57 4.88
N GLY A 14 1.76 8.66 3.58
CA GLY A 14 2.62 7.99 2.60
C GLY A 14 2.88 6.53 2.95
N THR A 15 1.82 5.76 3.08
CA THR A 15 1.93 4.34 3.41
C THR A 15 0.71 3.57 2.95
N TRP A 16 0.79 2.25 3.01
CA TRP A 16 -0.33 1.40 2.59
C TRP A 16 -1.13 0.94 3.80
N ARG A 17 -2.17 0.14 3.55
CA ARG A 17 -3.02 -0.35 4.62
C ARG A 17 -2.48 -1.65 5.21
N SER A 18 -2.73 -2.77 4.53
CA SER A 18 -2.27 -4.07 5.00
C SER A 18 -2.39 -5.11 3.90
N SER A 19 -3.52 -5.11 3.19
CA SER A 19 -3.76 -6.06 2.11
C SER A 19 -2.59 -6.08 1.12
N ILE A 20 -1.93 -4.94 0.97
CA ILE A 20 -0.79 -4.83 0.08
C ILE A 20 0.46 -4.37 0.82
N ALA A 21 1.62 -4.69 0.26
CA ALA A 21 2.89 -4.31 0.89
C ALA A 21 2.93 -2.82 1.18
N TYR A 22 3.26 -2.46 2.42
CA TYR A 22 3.32 -1.07 2.82
C TYR A 22 4.76 -0.59 2.96
N GLY A 23 4.93 0.73 3.00
CA GLY A 23 6.26 1.30 3.13
C GLY A 23 6.93 1.50 1.79
N GLY A 24 6.38 2.41 0.98
CA GLY A 24 6.95 2.68 -0.33
C GLY A 24 6.29 1.87 -1.43
N GLY A 25 6.04 0.59 -1.15
CA GLY A 25 5.42 -0.27 -2.13
C GLY A 25 6.39 -1.27 -2.72
N GLY A 1 1.43 -13.81 -0.67
CA GLY A 1 2.32 -13.29 -1.75
C GLY A 1 1.74 -12.08 -2.45
N VAL A 2 2.34 -10.92 -2.22
CA VAL A 2 1.88 -9.69 -2.84
C VAL A 2 2.30 -9.61 -4.30
N VAL A 3 1.38 -9.17 -5.17
CA VAL A 3 1.67 -9.05 -6.59
C VAL A 3 0.57 -8.30 -7.31
N ARG A 4 -0.03 -7.35 -6.61
CA ARG A 4 -1.12 -6.56 -7.16
C ARG A 4 -1.47 -5.40 -6.25
N GLN A 5 -1.50 -4.19 -6.81
CA GLN A 5 -1.82 -2.99 -6.05
C GLN A 5 -3.28 -2.58 -6.26
N TRP A 6 -3.76 -1.69 -5.40
CA TRP A 6 -5.13 -1.21 -5.48
C TRP A 6 -5.21 0.25 -5.02
N SER A 7 -6.42 0.70 -4.69
CA SER A 7 -6.62 2.07 -4.23
C SER A 7 -6.62 2.16 -2.71
N GLY A 8 -5.64 1.51 -2.08
CA GLY A 8 -5.56 1.54 -0.63
C GLY A 8 -4.32 2.27 -0.14
N TYR A 9 -3.87 3.24 -0.92
CA TYR A 9 -2.69 4.02 -0.55
C TYR A 9 -3.09 5.27 0.24
N ASP A 10 -2.59 5.38 1.46
CA ASP A 10 -2.90 6.52 2.32
C ASP A 10 -1.76 7.53 2.31
N PRO A 11 -1.78 8.51 1.38
CA PRO A 11 -0.75 9.53 1.28
C PRO A 11 -0.64 10.36 2.56
N ARG A 12 -1.68 10.32 3.38
CA ARG A 12 -1.69 11.07 4.64
C ARG A 12 -0.52 10.66 5.51
N THR A 13 -0.26 9.35 5.55
CA THR A 13 0.83 8.81 6.35
C THR A 13 1.87 8.11 5.48
N GLY A 14 1.78 8.32 4.18
CA GLY A 14 2.71 7.70 3.25
C GLY A 14 2.91 6.23 3.50
N THR A 15 1.81 5.50 3.68
CA THR A 15 1.88 4.07 3.93
C THR A 15 0.59 3.37 3.53
N TRP A 16 0.69 2.08 3.22
CA TRP A 16 -0.47 1.30 2.82
C TRP A 16 -1.19 0.72 4.03
N ARG A 17 -2.48 0.43 3.87
CA ARG A 17 -3.28 -0.12 4.96
C ARG A 17 -3.55 -1.61 4.76
N SER A 18 -3.86 -1.98 3.53
CA SER A 18 -4.14 -3.37 3.21
C SER A 18 -2.90 -4.25 3.42
N SER A 19 -3.05 -5.54 3.15
CA SER A 19 -1.96 -6.49 3.31
C SER A 19 -0.89 -6.28 2.25
N ILE A 20 -1.20 -5.48 1.23
CA ILE A 20 -0.25 -5.20 0.16
C ILE A 20 1.00 -4.53 0.71
N ALA A 21 2.10 -4.62 -0.04
CA ALA A 21 3.36 -4.03 0.38
C ALA A 21 3.16 -2.58 0.82
N TYR A 22 3.57 -2.27 2.05
CA TYR A 22 3.43 -0.93 2.59
C TYR A 22 4.71 -0.12 2.40
N GLY A 23 4.58 1.20 2.52
CA GLY A 23 5.72 2.07 2.36
C GLY A 23 6.28 2.03 0.95
N GLY A 24 5.57 2.66 0.01
CA GLY A 24 6.02 2.69 -1.36
C GLY A 24 5.22 1.74 -2.24
N GLY A 25 5.01 0.53 -1.75
CA GLY A 25 4.25 -0.45 -2.52
C GLY A 25 5.15 -1.49 -3.16
N GLY A 1 3.67 -12.72 -8.13
CA GLY A 1 4.43 -11.92 -7.13
C GLY A 1 3.57 -10.84 -6.48
N VAL A 2 4.18 -10.07 -5.60
CA VAL A 2 3.45 -8.99 -4.91
C VAL A 2 3.31 -7.77 -5.81
N VAL A 3 2.09 -7.26 -5.91
CA VAL A 3 1.80 -6.10 -6.74
C VAL A 3 0.60 -5.32 -6.21
N ARG A 4 0.47 -4.07 -6.64
CA ARG A 4 -0.65 -3.23 -6.21
C ARG A 4 -1.98 -3.87 -6.56
N GLN A 5 -2.75 -4.21 -5.53
CA GLN A 5 -4.06 -4.84 -5.72
C GLN A 5 -5.16 -3.79 -5.77
N TRP A 6 -4.90 -2.64 -5.16
CA TRP A 6 -5.88 -1.56 -5.13
C TRP A 6 -5.20 -0.23 -4.76
N SER A 7 -5.99 0.76 -4.35
CA SER A 7 -5.46 2.06 -3.98
C SER A 7 -5.25 2.17 -2.48
N GLY A 8 -5.00 1.03 -1.84
CA GLY A 8 -4.79 1.01 -0.41
C GLY A 8 -3.71 1.98 0.05
N TYR A 9 -2.77 2.27 -0.86
CA TYR A 9 -1.68 3.18 -0.56
C TYR A 9 -2.21 4.54 -0.09
N ASP A 10 -1.82 4.93 1.12
CA ASP A 10 -2.26 6.19 1.70
C ASP A 10 -1.14 7.23 1.63
N PRO A 11 -1.26 8.21 0.71
CA PRO A 11 -0.25 9.27 0.55
C PRO A 11 -0.21 10.21 1.76
N ARG A 12 -1.38 10.47 2.32
CA ARG A 12 -1.49 11.35 3.48
C ARG A 12 -0.57 10.89 4.60
N THR A 13 -0.27 9.60 4.64
CA THR A 13 0.60 9.05 5.67
C THR A 13 1.64 8.09 5.08
N GLY A 14 1.82 8.17 3.76
CA GLY A 14 2.79 7.32 3.08
C GLY A 14 2.80 5.89 3.59
N THR A 15 1.62 5.26 3.64
CA THR A 15 1.52 3.88 4.11
C THR A 15 0.30 3.18 3.52
N TRP A 16 0.38 1.87 3.40
CA TRP A 16 -0.72 1.08 2.85
C TRP A 16 -1.70 0.67 3.95
N ARG A 17 -2.73 -0.08 3.56
CA ARG A 17 -3.73 -0.54 4.51
C ARG A 17 -3.86 -2.06 4.49
N SER A 18 -4.26 -2.59 3.35
CA SER A 18 -4.42 -4.03 3.18
C SER A 18 -3.11 -4.78 3.46
N SER A 19 -3.12 -6.08 3.19
CA SER A 19 -1.94 -6.91 3.40
C SER A 19 -0.83 -6.59 2.40
N ILE A 20 -1.16 -5.78 1.38
CA ILE A 20 -0.17 -5.43 0.37
C ILE A 20 1.00 -4.70 1.01
N ALA A 21 2.16 -4.74 0.34
CA ALA A 21 3.36 -4.09 0.84
C ALA A 21 3.08 -2.66 1.29
N TYR A 22 3.48 -2.34 2.51
CA TYR A 22 3.27 -1.00 3.06
C TYR A 22 4.53 -0.16 2.99
N GLY A 23 4.36 1.15 3.06
CA GLY A 23 5.50 2.06 3.01
C GLY A 23 5.87 2.42 1.59
N GLY A 24 6.11 1.42 0.76
CA GLY A 24 6.47 1.67 -0.63
C GLY A 24 5.82 0.68 -1.58
N GLY A 25 4.75 1.12 -2.23
CA GLY A 25 4.05 0.27 -3.16
C GLY A 25 3.49 1.04 -4.35
N GLY A 1 8.76 -11.74 -5.45
CA GLY A 1 7.34 -12.04 -5.13
C GLY A 1 6.43 -10.86 -5.40
N VAL A 2 5.47 -11.05 -6.31
CA VAL A 2 4.53 -10.00 -6.65
C VAL A 2 3.16 -10.25 -6.01
N VAL A 3 2.31 -9.22 -6.02
CA VAL A 3 0.99 -9.33 -5.45
C VAL A 3 0.00 -8.42 -6.17
N ARG A 4 -1.23 -8.37 -5.67
CA ARG A 4 -2.26 -7.53 -6.27
C ARG A 4 -2.22 -6.12 -5.69
N GLN A 5 -2.14 -5.12 -6.57
CA GLN A 5 -2.10 -3.73 -6.15
C GLN A 5 -3.47 -3.08 -6.27
N TRP A 6 -3.62 -1.90 -5.66
CA TRP A 6 -4.88 -1.18 -5.71
C TRP A 6 -4.71 0.22 -5.13
N SER A 7 -5.84 0.88 -4.83
CA SER A 7 -5.81 2.23 -4.28
C SER A 7 -5.80 2.20 -2.76
N GLY A 8 -5.00 1.30 -2.19
CA GLY A 8 -4.92 1.20 -0.75
C GLY A 8 -3.73 1.94 -0.16
N TYR A 9 -3.33 3.02 -0.84
CA TYR A 9 -2.20 3.82 -0.40
C TYR A 9 -2.68 5.08 0.33
N ASP A 10 -2.04 5.37 1.46
CA ASP A 10 -2.40 6.55 2.25
C ASP A 10 -1.24 7.53 2.32
N PRO A 11 -1.21 8.51 1.41
CA PRO A 11 -0.15 9.52 1.36
C PRO A 11 -0.17 10.44 2.58
N ARG A 12 -1.32 10.51 3.24
CA ARG A 12 -1.46 11.34 4.43
C ARG A 12 -0.50 10.90 5.53
N THR A 13 -0.20 9.61 5.57
CA THR A 13 0.70 9.06 6.57
C THR A 13 1.72 8.11 5.94
N GLY A 14 1.89 8.21 4.64
CA GLY A 14 2.83 7.36 3.94
C GLY A 14 2.74 5.90 4.34
N THR A 15 1.56 5.31 4.15
CA THR A 15 1.35 3.91 4.51
C THR A 15 0.24 3.28 3.67
N TRP A 16 0.24 1.95 3.62
CA TRP A 16 -0.78 1.22 2.85
C TRP A 16 -1.83 0.62 3.78
N ARG A 17 -3.01 0.35 3.22
CA ARG A 17 -4.12 -0.22 3.99
C ARG A 17 -4.05 -1.74 3.98
N SER A 18 -4.39 -2.33 2.84
CA SER A 18 -4.39 -3.79 2.71
C SER A 18 -3.05 -4.38 3.14
N SER A 19 -2.93 -5.70 3.02
CA SER A 19 -1.71 -6.40 3.39
C SER A 19 -0.61 -6.20 2.35
N ILE A 20 -0.95 -5.54 1.24
CA ILE A 20 0.02 -5.29 0.17
C ILE A 20 1.23 -4.53 0.70
N ALA A 21 2.34 -4.60 -0.03
CA ALA A 21 3.56 -3.90 0.38
C ALA A 21 3.27 -2.48 0.82
N TYR A 22 3.70 -2.15 2.04
CA TYR A 22 3.48 -0.81 2.59
C TYR A 22 4.71 0.06 2.40
N GLY A 23 4.54 1.37 2.56
CA GLY A 23 5.63 2.30 2.40
C GLY A 23 5.48 3.20 1.20
N GLY A 24 5.55 2.62 0.00
CA GLY A 24 5.41 3.39 -1.22
C GLY A 24 4.69 2.62 -2.31
N GLY A 25 5.06 1.37 -2.49
CA GLY A 25 4.43 0.55 -3.52
C GLY A 25 4.70 1.06 -4.92
N GLY A 1 4.39 -14.20 -2.64
CA GLY A 1 4.90 -12.92 -3.19
C GLY A 1 3.79 -11.94 -3.51
N VAL A 2 4.05 -10.66 -3.32
CA VAL A 2 3.07 -9.62 -3.59
C VAL A 2 3.34 -8.94 -4.93
N VAL A 3 2.32 -8.86 -5.77
CA VAL A 3 2.45 -8.23 -7.08
C VAL A 3 1.11 -7.70 -7.57
N ARG A 4 0.32 -7.17 -6.64
CA ARG A 4 -0.99 -6.62 -6.97
C ARG A 4 -1.27 -5.36 -6.14
N GLN A 5 -1.45 -4.24 -6.84
CA GLN A 5 -1.71 -2.97 -6.17
C GLN A 5 -3.21 -2.64 -6.22
N TRP A 6 -3.60 -1.56 -5.55
CA TRP A 6 -4.99 -1.14 -5.52
C TRP A 6 -5.12 0.26 -4.90
N SER A 7 -6.34 0.63 -4.52
CA SER A 7 -6.59 1.92 -3.91
C SER A 7 -6.45 1.86 -2.40
N GLY A 8 -5.40 1.20 -1.92
CA GLY A 8 -5.18 1.08 -0.49
C GLY A 8 -4.00 1.91 -0.02
N TYR A 9 -3.72 3.00 -0.73
CA TYR A 9 -2.61 3.88 -0.37
C TYR A 9 -3.10 5.05 0.46
N ASP A 10 -2.41 5.30 1.58
CA ASP A 10 -2.76 6.40 2.46
C ASP A 10 -1.76 7.55 2.35
N PRO A 11 -2.02 8.52 1.45
CA PRO A 11 -1.13 9.67 1.27
C PRO A 11 -1.03 10.53 2.52
N ARG A 12 -2.04 10.43 3.38
CA ARG A 12 -2.05 11.19 4.62
C ARG A 12 -0.87 10.83 5.51
N THR A 13 -0.49 9.54 5.49
CA THR A 13 0.62 9.07 6.29
C THR A 13 1.70 8.43 5.42
N GLY A 14 1.63 8.70 4.12
CA GLY A 14 2.61 8.15 3.20
C GLY A 14 2.86 6.66 3.39
N THR A 15 1.78 5.90 3.54
CA THR A 15 1.89 4.47 3.73
C THR A 15 0.63 3.74 3.24
N TRP A 16 0.75 2.44 3.06
CA TRP A 16 -0.37 1.63 2.59
C TRP A 16 -1.23 1.16 3.76
N ARG A 17 -2.28 0.39 3.45
CA ARG A 17 -3.18 -0.11 4.49
C ARG A 17 -2.62 -1.37 5.15
N SER A 18 -2.85 -2.52 4.52
CA SER A 18 -2.36 -3.79 5.05
C SER A 18 -2.53 -4.91 4.05
N SER A 19 -3.66 -4.92 3.35
CA SER A 19 -3.95 -5.95 2.35
C SER A 19 -2.78 -6.11 1.38
N ILE A 20 -2.08 -5.02 1.12
CA ILE A 20 -0.93 -5.04 0.22
C ILE A 20 0.33 -4.53 0.92
N ALA A 21 1.49 -4.95 0.42
CA ALA A 21 2.76 -4.54 1.00
C ALA A 21 2.85 -3.02 1.11
N TYR A 22 3.19 -2.53 2.29
CA TYR A 22 3.31 -1.10 2.53
C TYR A 22 4.76 -0.64 2.37
N GLY A 23 4.95 0.68 2.35
CA GLY A 23 6.29 1.22 2.21
C GLY A 23 6.74 1.28 0.76
N GLY A 24 6.11 2.15 -0.02
CA GLY A 24 6.46 2.28 -1.42
C GLY A 24 5.38 1.74 -2.34
N GLY A 25 5.15 0.44 -2.28
CA GLY A 25 4.13 -0.18 -3.12
C GLY A 25 4.45 -1.62 -3.45
N GLY A 1 6.75 -12.38 -1.97
CA GLY A 1 5.77 -11.45 -1.34
C GLY A 1 5.23 -10.41 -2.31
N VAL A 2 4.84 -10.86 -3.50
CA VAL A 2 4.31 -9.97 -4.51
C VAL A 2 2.79 -10.09 -4.63
N VAL A 3 2.12 -8.97 -4.80
CA VAL A 3 0.67 -8.95 -4.92
C VAL A 3 0.20 -7.83 -5.86
N ARG A 4 -1.10 -7.65 -5.97
CA ARG A 4 -1.66 -6.63 -6.84
C ARG A 4 -1.87 -5.33 -6.08
N GLN A 5 -1.71 -4.21 -6.78
CA GLN A 5 -1.87 -2.89 -6.18
C GLN A 5 -3.24 -2.31 -6.50
N TRP A 6 -3.74 -1.44 -5.62
CA TRP A 6 -5.04 -0.81 -5.81
C TRP A 6 -5.07 0.57 -5.16
N SER A 7 -6.25 1.05 -4.78
CA SER A 7 -6.39 2.35 -4.15
C SER A 7 -6.32 2.26 -2.64
N GLY A 8 -5.50 1.34 -2.13
CA GLY A 8 -5.35 1.17 -0.70
C GLY A 8 -4.16 1.93 -0.14
N TYR A 9 -3.80 3.02 -0.80
CA TYR A 9 -2.68 3.84 -0.37
C TYR A 9 -3.15 5.06 0.40
N ASP A 10 -2.60 5.26 1.60
CA ASP A 10 -2.97 6.39 2.44
C ASP A 10 -1.91 7.48 2.38
N PRO A 11 -2.05 8.45 1.46
CA PRO A 11 -1.11 9.55 1.31
C PRO A 11 -1.07 10.47 2.54
N ARG A 12 -2.13 10.41 3.34
CA ARG A 12 -2.21 11.25 4.54
C ARG A 12 -1.00 11.04 5.43
N THR A 13 -0.47 9.82 5.44
CA THR A 13 0.71 9.51 6.26
C THR A 13 1.73 8.70 5.46
N GLY A 14 1.57 8.68 4.15
CA GLY A 14 2.48 7.95 3.29
C GLY A 14 2.66 6.50 3.72
N THR A 15 1.59 5.72 3.63
CA THR A 15 1.64 4.31 4.01
C THR A 15 0.53 3.52 3.33
N TRP A 16 0.68 2.20 3.32
CA TRP A 16 -0.30 1.32 2.69
C TRP A 16 -1.15 0.64 3.76
N ARG A 17 -2.34 0.20 3.36
CA ARG A 17 -3.25 -0.47 4.28
C ARG A 17 -2.61 -1.72 4.89
N SER A 18 -2.72 -2.86 4.20
CA SER A 18 -2.14 -4.11 4.68
C SER A 18 -2.18 -5.19 3.62
N SER A 19 -3.30 -5.27 2.91
CA SER A 19 -3.48 -6.27 1.86
C SER A 19 -2.30 -6.26 0.88
N ILE A 20 -1.66 -5.11 0.72
CA ILE A 20 -0.52 -4.99 -0.17
C ILE A 20 0.71 -4.49 0.59
N ALA A 21 1.89 -4.84 0.10
CA ALA A 21 3.14 -4.43 0.73
C ALA A 21 3.17 -2.92 0.94
N TYR A 22 3.53 -2.50 2.14
CA TYR A 22 3.60 -1.08 2.46
C TYR A 22 5.03 -0.56 2.34
N GLY A 23 5.19 0.75 2.50
CA GLY A 23 6.50 1.36 2.41
C GLY A 23 6.95 1.55 0.98
N GLY A 24 6.18 2.31 0.21
CA GLY A 24 6.52 2.56 -1.18
C GLY A 24 5.57 1.88 -2.14
N GLY A 25 5.58 0.55 -2.14
CA GLY A 25 4.71 -0.20 -3.02
C GLY A 25 5.42 -0.69 -4.27
#